data_3WYE
#
_entry.id   3WYE
#
_cell.length_a   81.244
_cell.length_b   134.617
_cell.length_c   87.794
_cell.angle_alpha   90.000
_cell.angle_beta   90.000
_cell.angle_gamma   90.000
#
_symmetry.space_group_name_H-M   'C 2 2 21'
#
loop_
_entity.id
_entity.type
_entity.pdbx_description
1 polymer 'Diacetyl reductase [(S)-acetoin forming],L-2,3-butanediol dehydrogenase,Diacetyl reductase [(S)-acetoin forming],L-2,3-butanediol dehydrogenase,Diacetyl reductase [(S)-acetoin forming],L-2,3-butanediol dehydrogenase,Diacetyl reductase [(S)-acetoin forming]'
2 non-polymer NICOTINAMIDE-ADENINE-DINUCLEOTIDE
3 water water
#
_entity_poly.entity_id   1
_entity_poly.type   'polypeptide(L)'
_entity_poly.pdbx_seq_one_letter_code
;MKKVALVTGAGQGIGKAIALRLVKDGFAVAIADYNDATAKAVASEINQAGGHAVAVKVDVSDRDQVFAAVEQARKTLGGF
DVIVNNAGIAQIKPLLEVTEEDLKQIYSVNVFSVFFGIQAAVEAFKKEGHGGKIINAASIAAIQGFPILSAYSTTKFAVR
GLTQTAARDLAPLGITVNGYCPGIVGTGMWEQIDAELSKINGKPIGENFKEYSSSIALGRPSVPEDVAGLVSFLASPDSD
YMTGQSLLIDGGMVFN
;
_entity_poly.pdbx_strand_id   A,B
#
# COMPACT_ATOMS: atom_id res chain seq x y z
N LYS A 2 -2.11 34.79 -10.27
CA LYS A 2 -2.92 33.67 -9.77
C LYS A 2 -2.19 32.33 -9.83
N LYS A 3 -2.15 31.65 -8.69
CA LYS A 3 -1.52 30.34 -8.63
C LYS A 3 -2.40 29.30 -9.31
N VAL A 4 -1.79 28.18 -9.67
CA VAL A 4 -2.46 27.17 -10.48
C VAL A 4 -2.46 25.82 -9.78
N ALA A 5 -3.64 25.19 -9.72
CA ALA A 5 -3.77 23.86 -9.15
C ALA A 5 -4.41 22.90 -10.15
N LEU A 6 -3.95 21.66 -10.17
CA LEU A 6 -4.62 20.61 -10.93
C LEU A 6 -5.20 19.60 -9.95
N VAL A 7 -6.47 19.26 -10.12
CA VAL A 7 -7.14 18.29 -9.26
C VAL A 7 -7.63 17.13 -10.10
N THR A 8 -7.16 15.92 -9.81
CA THR A 8 -7.66 14.76 -10.55
C THR A 8 -8.93 14.23 -9.90
N GLY A 9 -9.76 13.57 -10.69
CA GLY A 9 -11.05 13.10 -10.21
C GLY A 9 -11.97 14.24 -9.83
N ALA A 10 -11.81 15.39 -10.49
CA ALA A 10 -12.54 16.59 -10.10
C ALA A 10 -13.92 16.73 -10.75
N GLY A 11 -14.32 15.72 -11.51
CA GLY A 11 -15.63 15.74 -12.15
C GLY A 11 -16.79 15.63 -11.19
N GLN A 12 -16.54 15.05 -10.02
CA GLN A 12 -17.59 14.83 -9.03
C GLN A 12 -17.00 14.58 -7.66
N GLY A 13 -17.87 14.42 -6.66
CA GLY A 13 -17.47 14.01 -5.33
C GLY A 13 -16.46 14.91 -4.64
N ILE A 14 -15.53 14.29 -3.93
CA ILE A 14 -14.53 15.03 -3.16
C ILE A 14 -13.65 15.90 -4.06
N GLY A 15 -13.26 15.39 -5.22
CA GLY A 15 -12.42 16.15 -6.13
C GLY A 15 -13.09 17.42 -6.60
N LYS A 16 -14.38 17.33 -6.90
CA LYS A 16 -15.12 18.51 -7.33
C LYS A 16 -15.19 19.55 -6.23
N ALA A 17 -15.43 19.10 -5.00
CA ALA A 17 -15.53 19.99 -3.86
C ALA A 17 -14.19 20.68 -3.61
N ILE A 18 -13.11 19.90 -3.71
CA ILE A 18 -11.76 20.44 -3.59
C ILE A 18 -11.50 21.52 -4.64
N ALA A 19 -11.81 21.21 -5.89
CA ALA A 19 -11.62 22.16 -6.97
C ALA A 19 -12.37 23.47 -6.73
N LEU A 20 -13.63 23.36 -6.33
CA LEU A 20 -14.45 24.55 -6.10
C LEU A 20 -13.90 25.38 -4.95
N ARG A 21 -13.39 24.72 -3.91
CA ARG A 21 -12.84 25.44 -2.77
C ARG A 21 -11.53 26.13 -3.15
N LEU A 22 -10.71 25.46 -3.95
CA LEU A 22 -9.46 26.07 -4.38
C LEU A 22 -9.72 27.29 -5.27
N VAL A 23 -10.76 27.23 -6.08
CA VAL A 23 -11.20 28.41 -6.85
C VAL A 23 -11.56 29.55 -5.89
N LYS A 24 -12.32 29.23 -4.86
CA LYS A 24 -12.70 30.21 -3.85
C LYS A 24 -11.46 30.84 -3.20
N ASP A 25 -10.45 30.01 -2.97
CA ASP A 25 -9.20 30.45 -2.37
C ASP A 25 -8.37 31.30 -3.33
N GLY A 26 -8.75 31.29 -4.60
CA GLY A 26 -8.11 32.14 -5.58
C GLY A 26 -7.20 31.43 -6.57
N PHE A 27 -7.27 30.11 -6.62
CA PHE A 27 -6.53 29.33 -7.60
C PHE A 27 -7.25 29.28 -8.95
N ALA A 28 -6.46 29.28 -10.02
CA ALA A 28 -6.95 28.81 -11.31
C ALA A 28 -6.81 27.30 -11.24
N VAL A 29 -7.81 26.57 -11.72
CA VAL A 29 -7.83 25.12 -11.50
C VAL A 29 -8.04 24.30 -12.76
N ALA A 30 -7.19 23.31 -12.97
CA ALA A 30 -7.38 22.33 -14.01
C ALA A 30 -8.24 21.19 -13.46
N ILE A 31 -9.39 20.98 -14.10
CA ILE A 31 -10.32 19.94 -13.72
C ILE A 31 -9.99 18.66 -14.50
N ALA A 32 -9.30 17.73 -13.83
CA ALA A 32 -8.79 16.54 -14.50
C ALA A 32 -9.64 15.33 -14.16
N ASP A 33 -10.09 14.60 -15.17
CA ASP A 33 -10.95 13.45 -14.95
C ASP A 33 -10.94 12.56 -16.19
N TYR A 34 -11.15 11.26 -16.00
CA TYR A 34 -11.32 10.37 -17.14
C TYR A 34 -12.68 10.60 -17.78
N ASN A 35 -13.62 11.10 -16.97
CA ASN A 35 -14.96 11.45 -17.44
C ASN A 35 -14.93 12.84 -18.07
N ASP A 36 -14.88 12.88 -19.40
CA ASP A 36 -14.74 14.15 -20.12
C ASP A 36 -15.95 15.06 -19.91
N ALA A 37 -17.13 14.47 -19.85
CA ALA A 37 -18.36 15.25 -19.72
C ALA A 37 -18.44 15.98 -18.39
N THR A 38 -18.14 15.28 -17.30
CA THR A 38 -18.24 15.90 -15.98
C THR A 38 -17.10 16.90 -15.76
N ALA A 39 -15.94 16.62 -16.35
CA ALA A 39 -14.80 17.53 -16.26
C ALA A 39 -15.14 18.86 -16.95
N LYS A 40 -15.68 18.76 -18.16
CA LYS A 40 -16.09 19.95 -18.91
C LYS A 40 -17.21 20.70 -18.18
N ALA A 41 -18.14 19.96 -17.62
CA ALA A 41 -19.26 20.55 -16.89
C ALA A 41 -18.77 21.34 -15.67
N VAL A 42 -17.87 20.76 -14.88
CA VAL A 42 -17.37 21.44 -13.69
C VAL A 42 -16.55 22.66 -14.09
N ALA A 43 -15.72 22.53 -15.12
CA ALA A 43 -14.90 23.64 -15.59
C ALA A 43 -15.79 24.79 -16.07
N SER A 44 -16.84 24.45 -16.81
CA SER A 44 -17.78 25.45 -17.30
C SER A 44 -18.48 26.14 -16.15
N GLU A 45 -18.85 25.38 -15.13
CA GLU A 45 -19.54 25.92 -13.96
C GLU A 45 -18.67 26.92 -13.20
N ILE A 46 -17.36 26.67 -13.20
CA ILE A 46 -16.42 27.57 -12.56
C ILE A 46 -16.25 28.85 -13.37
N ASN A 47 -16.03 28.69 -14.67
CA ASN A 47 -15.81 29.84 -15.55
C ASN A 47 -17.03 30.76 -15.63
N GLN A 48 -18.23 30.18 -15.53
CA GLN A 48 -19.45 30.97 -15.62
C GLN A 48 -19.77 31.69 -14.30
N ALA A 49 -19.03 31.33 -13.24
CA ALA A 49 -19.20 31.97 -11.94
C ALA A 49 -17.99 32.83 -11.59
N GLY A 50 -17.22 33.22 -12.60
CA GLY A 50 -16.15 34.19 -12.42
C GLY A 50 -14.76 33.62 -12.20
N GLY A 51 -14.65 32.31 -12.03
CA GLY A 51 -13.35 31.70 -11.78
C GLY A 51 -12.60 31.39 -13.07
N HIS A 52 -11.45 30.74 -12.94
CA HIS A 52 -10.72 30.31 -14.12
C HIS A 52 -10.38 28.83 -14.03
N ALA A 53 -10.93 28.07 -14.97
CA ALA A 53 -10.77 26.63 -14.99
C ALA A 53 -10.63 26.11 -16.40
N VAL A 54 -9.96 24.98 -16.55
CA VAL A 54 -9.91 24.27 -17.82
C VAL A 54 -10.18 22.79 -17.53
N ALA A 55 -10.90 22.14 -18.44
CA ALA A 55 -11.15 20.71 -18.30
C ALA A 55 -10.07 19.93 -19.02
N VAL A 56 -9.56 18.89 -18.37
CA VAL A 56 -8.55 18.04 -18.98
C VAL A 56 -8.95 16.59 -18.82
N LYS A 57 -9.12 15.90 -19.95
CA LYS A 57 -9.42 14.47 -19.93
C LYS A 57 -8.14 13.68 -19.74
N VAL A 58 -8.10 12.86 -18.69
CA VAL A 58 -6.92 12.07 -18.39
C VAL A 58 -7.29 10.80 -17.63
N ASP A 59 -6.69 9.68 -18.03
CA ASP A 59 -6.71 8.46 -17.26
C ASP A 59 -5.44 8.45 -16.42
N VAL A 60 -5.58 8.63 -15.11
CA VAL A 60 -4.41 8.83 -14.26
C VAL A 60 -3.55 7.58 -14.09
N SER A 61 -4.05 6.43 -14.54
CA SER A 61 -3.27 5.19 -14.53
C SER A 61 -2.28 5.16 -15.70
N ASP A 62 -2.39 6.15 -16.58
CA ASP A 62 -1.53 6.25 -17.76
C ASP A 62 -0.51 7.37 -17.58
N ARG A 63 0.77 7.01 -17.46
CA ARG A 63 1.82 7.98 -17.14
C ARG A 63 1.93 9.09 -18.18
N ASP A 64 1.87 8.72 -19.46
CA ASP A 64 1.97 9.70 -20.53
C ASP A 64 0.83 10.71 -20.46
N GLN A 65 -0.37 10.21 -20.14
CA GLN A 65 -1.54 11.08 -20.05
C GLN A 65 -1.44 12.03 -18.85
N VAL A 66 -0.84 11.56 -17.76
CA VAL A 66 -0.69 12.40 -16.59
C VAL A 66 0.29 13.54 -16.88
N PHE A 67 1.40 13.23 -17.51
CA PHE A 67 2.35 14.26 -17.93
C PHE A 67 1.67 15.24 -18.89
N ALA A 68 0.87 14.71 -19.81
CA ALA A 68 0.19 15.56 -20.79
C ALA A 68 -0.81 16.49 -20.11
N ALA A 69 -1.49 15.98 -19.09
CA ALA A 69 -2.51 16.75 -18.37
C ALA A 69 -1.87 17.89 -17.60
N VAL A 70 -0.76 17.61 -16.92
CA VAL A 70 -0.06 18.64 -16.16
C VAL A 70 0.50 19.70 -17.10
N GLU A 71 1.11 19.28 -18.20
CA GLU A 71 1.67 20.22 -19.16
C GLU A 71 0.57 21.10 -19.77
N GLN A 72 -0.58 20.50 -20.06
CA GLN A 72 -1.70 21.26 -20.59
C GLN A 72 -2.18 22.31 -19.57
N ALA A 73 -2.22 21.91 -18.29
CA ALA A 73 -2.62 22.82 -17.23
C ALA A 73 -1.63 23.97 -17.11
N ARG A 74 -0.34 23.64 -17.15
CA ARG A 74 0.72 24.63 -16.99
C ARG A 74 0.67 25.68 -18.10
N LYS A 75 0.47 25.23 -19.33
CA LYS A 75 0.42 26.13 -20.48
C LYS A 75 -0.85 26.99 -20.48
N THR A 76 -1.99 26.33 -20.34
CA THR A 76 -3.29 27.00 -20.46
C THR A 76 -3.56 27.98 -19.32
N LEU A 77 -3.17 27.61 -18.10
CA LEU A 77 -3.46 28.43 -16.93
C LEU A 77 -2.28 29.31 -16.52
N GLY A 78 -1.13 29.10 -17.16
CA GLY A 78 -0.01 30.00 -17.01
C GLY A 78 0.86 29.82 -15.79
N GLY A 79 0.85 28.61 -15.23
CA GLY A 79 1.68 28.31 -14.08
C GLY A 79 1.37 26.93 -13.56
N PHE A 80 2.08 26.51 -12.51
CA PHE A 80 1.77 25.25 -11.86
C PHE A 80 2.35 25.22 -10.44
N ASP A 81 1.47 25.18 -9.44
CA ASP A 81 1.86 25.35 -8.06
C ASP A 81 1.42 24.22 -7.15
N VAL A 82 0.28 23.60 -7.48
CA VAL A 82 -0.31 22.56 -6.65
C VAL A 82 -0.87 21.43 -7.51
N ILE A 83 -0.59 20.19 -7.12
CA ILE A 83 -1.32 19.06 -7.71
C ILE A 83 -2.02 18.29 -6.61
N VAL A 84 -3.27 17.92 -6.87
CA VAL A 84 -4.03 17.08 -5.95
C VAL A 84 -4.30 15.75 -6.63
N ASN A 85 -3.62 14.71 -6.18
CA ASN A 85 -3.80 13.36 -6.71
C ASN A 85 -4.97 12.70 -5.98
N ASN A 86 -6.18 12.93 -6.51
CA ASN A 86 -7.41 12.58 -5.81
C ASN A 86 -8.16 11.42 -6.45
N ALA A 87 -8.03 11.28 -7.76
CA ALA A 87 -8.73 10.22 -8.49
C ALA A 87 -8.42 8.85 -7.91
N GLY A 88 -9.46 8.04 -7.79
CA GLY A 88 -9.30 6.69 -7.27
C GLY A 88 -10.58 5.90 -7.44
N ILE A 89 -10.48 4.59 -7.27
CA ILE A 89 -11.64 3.72 -7.32
C ILE A 89 -11.69 2.84 -6.09
N ALA A 90 -12.88 2.30 -5.82
CA ALA A 90 -13.04 1.34 -4.74
C ALA A 90 -13.35 -0.03 -5.32
N GLN A 91 -12.83 -1.06 -4.67
CA GLN A 91 -13.24 -2.42 -4.92
C GLN A 91 -13.83 -2.96 -3.64
N ILE A 92 -14.85 -3.82 -3.77
CA ILE A 92 -15.50 -4.40 -2.61
C ILE A 92 -15.62 -5.90 -2.87
N LYS A 93 -14.82 -6.68 -2.15
CA LYS A 93 -14.75 -8.11 -2.41
C LYS A 93 -14.06 -8.82 -1.26
N PRO A 94 -14.62 -9.96 -0.82
CA PRO A 94 -13.98 -10.75 0.23
C PRO A 94 -12.53 -11.07 -0.11
N LEU A 95 -11.66 -11.01 0.90
CA LEU A 95 -10.22 -11.18 0.73
C LEU A 95 -9.83 -12.40 -0.10
N LEU A 96 -10.45 -13.54 0.19
CA LEU A 96 -10.06 -14.79 -0.48
C LEU A 96 -10.51 -14.84 -1.94
N GLU A 97 -11.35 -13.88 -2.35
CA GLU A 97 -11.88 -13.88 -3.71
C GLU A 97 -11.20 -12.85 -4.61
N VAL A 98 -10.31 -12.06 -4.02
CA VAL A 98 -9.55 -11.05 -4.77
C VAL A 98 -8.67 -11.69 -5.83
N THR A 99 -8.79 -11.23 -7.07
CA THR A 99 -8.03 -11.81 -8.16
C THR A 99 -6.83 -10.97 -8.54
N GLU A 100 -5.91 -11.57 -9.28
CA GLU A 100 -4.76 -10.85 -9.80
C GLU A 100 -5.19 -9.69 -10.69
N GLU A 101 -6.23 -9.89 -11.49
CA GLU A 101 -6.71 -8.81 -12.35
CA GLU A 101 -6.73 -8.82 -12.35
C GLU A 101 -7.27 -7.67 -11.53
N ASP A 102 -7.98 -7.99 -10.44
CA ASP A 102 -8.46 -6.98 -9.50
C ASP A 102 -7.31 -6.13 -8.99
N LEU A 103 -6.25 -6.81 -8.56
CA LEU A 103 -5.09 -6.13 -7.99
C LEU A 103 -4.38 -5.26 -9.02
N LYS A 104 -4.16 -5.79 -10.22
CA LYS A 104 -3.49 -5.03 -11.26
C LYS A 104 -4.25 -3.73 -11.57
N GLN A 105 -5.57 -3.82 -11.60
CA GLN A 105 -6.43 -2.68 -11.90
C GLN A 105 -6.36 -1.62 -10.82
N ILE A 106 -6.59 -2.03 -9.57
CA ILE A 106 -6.74 -1.04 -8.52
C ILE A 106 -5.39 -0.43 -8.14
N TYR A 107 -4.29 -1.17 -8.29
CA TYR A 107 -2.98 -0.58 -8.02
C TYR A 107 -2.59 0.40 -9.11
N SER A 108 -2.97 0.10 -10.35
CA SER A 108 -2.71 1.00 -11.46
C SER A 108 -3.41 2.35 -11.26
N VAL A 109 -4.69 2.29 -10.89
CA VAL A 109 -5.50 3.49 -10.75
C VAL A 109 -5.21 4.25 -9.45
N ASN A 110 -5.02 3.52 -8.36
CA ASN A 110 -4.92 4.16 -7.03
C ASN A 110 -3.50 4.48 -6.58
N VAL A 111 -2.52 3.76 -7.10
CA VAL A 111 -1.15 3.90 -6.61
C VAL A 111 -0.20 4.44 -7.68
N PHE A 112 -0.15 3.77 -8.83
CA PHE A 112 0.78 4.14 -9.88
C PHE A 112 0.47 5.58 -10.32
N SER A 113 -0.81 5.91 -10.33
CA SER A 113 -1.27 7.25 -10.66
C SER A 113 -0.59 8.33 -9.80
N VAL A 114 -0.37 8.02 -8.53
CA VAL A 114 0.23 9.00 -7.63
C VAL A 114 1.72 9.15 -7.92
N PHE A 115 2.40 8.04 -8.21
CA PHE A 115 3.77 8.10 -8.69
C PHE A 115 3.87 9.03 -9.91
N PHE A 116 2.96 8.84 -10.87
CA PHE A 116 2.98 9.60 -12.11
C PHE A 116 2.66 11.08 -11.86
N GLY A 117 1.69 11.34 -10.98
CA GLY A 117 1.34 12.71 -10.63
C GLY A 117 2.50 13.45 -9.98
N ILE A 118 3.17 12.77 -9.04
CA ILE A 118 4.35 13.33 -8.38
C ILE A 118 5.43 13.67 -9.41
N GLN A 119 5.75 12.72 -10.28
CA GLN A 119 6.76 12.92 -11.30
C GLN A 119 6.43 14.09 -12.22
N ALA A 120 5.19 14.13 -12.68
CA ALA A 120 4.74 15.18 -13.60
C ALA A 120 4.80 16.55 -12.94
N ALA A 121 4.34 16.62 -11.69
CA ALA A 121 4.31 17.88 -10.97
C ALA A 121 5.72 18.40 -10.69
N VAL A 122 6.62 17.49 -10.30
CA VAL A 122 8.00 17.88 -10.02
C VAL A 122 8.65 18.48 -11.27
N GLU A 123 8.45 17.84 -12.41
CA GLU A 123 8.96 18.38 -13.66
C GLU A 123 8.38 19.75 -13.95
N ALA A 124 7.08 19.93 -13.69
CA ALA A 124 6.42 21.21 -13.92
C ALA A 124 6.96 22.29 -12.99
N PHE A 125 7.15 21.95 -11.72
CA PHE A 125 7.68 22.91 -10.75
C PHE A 125 9.05 23.40 -11.19
N LYS A 126 9.87 22.47 -11.68
CA LYS A 126 11.21 22.79 -12.16
C LYS A 126 11.16 23.72 -13.37
N LYS A 127 10.25 23.45 -14.30
CA LYS A 127 10.09 24.31 -15.47
C LYS A 127 9.63 25.71 -15.08
N GLU A 128 8.87 25.80 -14.00
CA GLU A 128 8.39 27.09 -13.50
C GLU A 128 9.43 27.78 -12.64
N GLY A 129 10.46 27.04 -12.26
CA GLY A 129 11.57 27.59 -11.49
C GLY A 129 11.28 27.83 -10.02
N HIS A 130 10.38 27.04 -9.44
CA HIS A 130 10.12 27.15 -8.01
C HIS A 130 9.72 25.81 -7.40
N GLY A 131 9.35 25.84 -6.13
CA GLY A 131 8.91 24.64 -5.44
C GLY A 131 7.44 24.38 -5.70
N GLY A 132 6.78 23.70 -4.77
CA GLY A 132 5.37 23.42 -4.95
C GLY A 132 4.78 22.49 -3.92
N LYS A 133 3.49 22.21 -4.07
CA LYS A 133 2.77 21.35 -3.14
C LYS A 133 2.14 20.17 -3.87
N ILE A 134 2.40 18.98 -3.37
CA ILE A 134 1.76 17.76 -3.84
C ILE A 134 0.84 17.25 -2.73
N ILE A 135 -0.40 16.95 -3.07
CA ILE A 135 -1.40 16.58 -2.09
C ILE A 135 -2.10 15.31 -2.55
N ASN A 136 -2.03 14.27 -1.73
CA ASN A 136 -2.53 12.95 -2.12
C ASN A 136 -3.75 12.50 -1.34
N ALA A 137 -4.71 11.92 -2.04
CA ALA A 137 -5.86 11.32 -1.39
C ALA A 137 -5.50 9.96 -0.82
N ALA A 138 -5.38 9.89 0.51
CA ALA A 138 -5.31 8.60 1.18
C ALA A 138 -6.72 8.22 1.59
N SER A 139 -6.86 7.76 2.83
CA SER A 139 -8.14 7.26 3.33
C SER A 139 -7.97 6.89 4.79
N ILE A 140 -9.07 6.82 5.52
CA ILE A 140 -9.01 6.20 6.85
C ILE A 140 -8.52 4.76 6.70
N ALA A 141 -8.82 4.15 5.55
CA ALA A 141 -8.37 2.78 5.27
C ALA A 141 -6.86 2.68 5.05
N ALA A 142 -6.18 3.83 4.99
CA ALA A 142 -4.72 3.87 4.93
C ALA A 142 -4.10 3.82 6.32
N ILE A 143 -4.94 3.97 7.34
CA ILE A 143 -4.47 4.03 8.72
C ILE A 143 -4.86 2.76 9.47
N GLN A 144 -6.08 2.30 9.26
CA GLN A 144 -6.52 1.00 9.75
C GLN A 144 -7.22 0.26 8.61
N GLY A 145 -6.72 -0.93 8.30
CA GLY A 145 -7.27 -1.74 7.23
C GLY A 145 -8.74 -2.06 7.45
N PHE A 146 -9.52 -1.95 6.39
CA PHE A 146 -10.97 -2.15 6.45
C PHE A 146 -11.37 -3.55 6.02
N PRO A 147 -12.35 -4.13 6.74
CA PRO A 147 -12.87 -5.44 6.37
C PRO A 147 -13.62 -5.39 5.04
N ILE A 148 -13.45 -6.43 4.23
CA ILE A 148 -14.08 -6.62 2.91
C ILE A 148 -13.58 -5.61 1.86
N LEU A 149 -12.69 -4.71 2.25
CA LEU A 149 -12.07 -3.81 1.27
C LEU A 149 -10.55 -3.92 1.34
N SER A 150 -10.04 -5.14 1.24
CA SER A 150 -8.61 -5.40 1.42
C SER A 150 -7.78 -4.77 0.31
N ALA A 151 -8.15 -5.01 -0.93
CA ALA A 151 -7.40 -4.43 -2.05
C ALA A 151 -7.33 -2.91 -1.93
N TYR A 152 -8.48 -2.29 -1.71
CA TYR A 152 -8.55 -0.83 -1.55
C TYR A 152 -7.69 -0.34 -0.40
N SER A 153 -7.83 -0.98 0.76
CA SER A 153 -7.04 -0.61 1.94
C SER A 153 -5.55 -0.66 1.67
N THR A 154 -5.11 -1.72 1.00
CA THR A 154 -3.67 -1.85 0.76
C THR A 154 -3.19 -0.76 -0.21
N THR A 155 -4.01 -0.36 -1.18
CA THR A 155 -3.57 0.71 -2.08
C THR A 155 -3.42 2.03 -1.33
N LYS A 156 -4.29 2.25 -0.35
CA LYS A 156 -4.25 3.51 0.38
C LYS A 156 -3.07 3.52 1.35
N PHE A 157 -2.75 2.38 1.94
CA PHE A 157 -1.50 2.26 2.72
C PHE A 157 -0.30 2.59 1.87
N ALA A 158 -0.31 2.12 0.62
CA ALA A 158 0.78 2.41 -0.31
C ALA A 158 0.88 3.91 -0.57
N VAL A 159 -0.26 4.57 -0.73
CA VAL A 159 -0.27 6.01 -0.96
C VAL A 159 0.27 6.76 0.26
N ARG A 160 -0.10 6.30 1.45
CA ARG A 160 0.44 6.84 2.70
C ARG A 160 1.98 6.74 2.72
N GLY A 161 2.50 5.56 2.39
CA GLY A 161 3.93 5.37 2.32
C GLY A 161 4.60 6.26 1.28
N LEU A 162 3.95 6.39 0.12
CA LEU A 162 4.49 7.21 -0.96
C LEU A 162 4.60 8.67 -0.53
N THR A 163 3.59 9.14 0.18
CA THR A 163 3.55 10.50 0.69
C THR A 163 4.76 10.76 1.58
N GLN A 164 5.08 9.81 2.46
CA GLN A 164 6.24 9.93 3.33
C GLN A 164 7.55 9.91 2.56
N THR A 165 7.74 8.91 1.71
CA THR A 165 8.98 8.77 0.98
C THR A 165 9.24 9.96 0.04
N ALA A 166 8.22 10.35 -0.70
CA ALA A 166 8.34 11.49 -1.62
C ALA A 166 8.63 12.78 -0.86
N ALA A 167 8.04 12.93 0.31
CA ALA A 167 8.31 14.11 1.13
C ALA A 167 9.80 14.20 1.48
N ARG A 168 10.39 13.08 1.90
CA ARG A 168 11.81 13.06 2.20
C ARG A 168 12.65 13.40 0.97
N ASP A 169 12.35 12.76 -0.15
CA ASP A 169 13.16 12.90 -1.36
C ASP A 169 13.07 14.28 -2.00
N LEU A 170 11.89 14.90 -1.94
CA LEU A 170 11.64 16.13 -2.69
C LEU A 170 11.81 17.40 -1.89
N ALA A 171 11.96 17.26 -0.57
CA ALA A 171 12.15 18.41 0.31
C ALA A 171 13.29 19.36 -0.13
N PRO A 172 14.44 18.82 -0.58
CA PRO A 172 15.49 19.77 -1.00
C PRO A 172 15.10 20.68 -2.16
N LEU A 173 14.08 20.29 -2.92
CA LEU A 173 13.60 21.09 -4.05
C LEU A 173 12.55 22.10 -3.64
N GLY A 174 12.24 22.16 -2.34
CA GLY A 174 11.21 23.06 -1.85
C GLY A 174 9.82 22.57 -2.22
N ILE A 175 9.70 21.25 -2.37
CA ILE A 175 8.44 20.62 -2.70
C ILE A 175 7.96 19.79 -1.51
N THR A 176 6.74 20.03 -1.06
CA THR A 176 6.17 19.27 0.04
C THR A 176 5.18 18.25 -0.47
N VAL A 177 4.98 17.19 0.31
CA VAL A 177 4.03 16.15 -0.05
C VAL A 177 3.24 15.77 1.19
N ASN A 178 1.93 16.01 1.16
CA ASN A 178 1.07 15.62 2.26
C ASN A 178 -0.16 14.90 1.74
N GLY A 179 -0.87 14.23 2.63
CA GLY A 179 -2.06 13.50 2.23
C GLY A 179 -3.25 13.84 3.10
N TYR A 180 -4.44 13.59 2.57
CA TYR A 180 -5.66 13.70 3.36
C TYR A 180 -6.36 12.37 3.45
N CYS A 181 -6.93 12.10 4.62
CA CYS A 181 -7.60 10.85 4.89
C CYS A 181 -9.05 11.09 5.27
N PRO A 182 -9.94 11.04 4.29
CA PRO A 182 -11.37 11.18 4.58
C PRO A 182 -11.88 9.95 5.34
N GLY A 183 -13.04 10.08 5.97
CA GLY A 183 -13.62 8.95 6.68
C GLY A 183 -14.69 8.30 5.83
N ILE A 184 -15.93 8.39 6.29
CA ILE A 184 -17.07 7.86 5.55
C ILE A 184 -17.79 9.03 4.88
N VAL A 185 -17.53 9.22 3.60
CA VAL A 185 -18.09 10.37 2.88
C VAL A 185 -19.18 9.94 1.92
N GLY A 186 -20.34 10.58 2.01
CA GLY A 186 -21.46 10.26 1.14
C GLY A 186 -21.28 10.75 -0.28
N THR A 187 -20.50 10.00 -1.05
CA THR A 187 -20.31 10.26 -2.46
C THR A 187 -20.76 9.06 -3.28
N GLY A 188 -20.57 9.14 -4.59
CA GLY A 188 -20.86 8.02 -5.47
C GLY A 188 -20.07 6.78 -5.09
N MET A 189 -18.88 6.99 -4.52
CA MET A 189 -18.05 5.87 -4.11
C MET A 189 -18.70 5.09 -2.96
N TRP A 190 -19.27 5.77 -1.98
CA TRP A 190 -19.90 5.03 -0.90
C TRP A 190 -21.26 4.51 -1.31
N GLU A 191 -21.89 5.13 -2.31
CA GLU A 191 -23.10 4.57 -2.88
CA GLU A 191 -23.10 4.59 -2.90
CA GLU A 191 -23.10 4.58 -2.89
C GLU A 191 -22.78 3.19 -3.45
N GLN A 192 -21.65 3.11 -4.13
CA GLN A 192 -21.14 1.86 -4.70
C GLN A 192 -20.77 0.85 -3.60
N ILE A 193 -19.99 1.30 -2.63
CA ILE A 193 -19.54 0.43 -1.54
C ILE A 193 -20.72 -0.15 -0.77
N ASP A 194 -21.68 0.70 -0.42
CA ASP A 194 -22.85 0.26 0.33
C ASP A 194 -23.65 -0.77 -0.47
N ALA A 195 -23.80 -0.51 -1.78
CA ALA A 195 -24.56 -1.40 -2.64
C ALA A 195 -23.88 -2.76 -2.77
N GLU A 196 -22.56 -2.76 -2.93
CA GLU A 196 -21.85 -4.01 -3.10
C GLU A 196 -21.76 -4.78 -1.77
N LEU A 197 -21.62 -4.07 -0.66
CA LEU A 197 -21.67 -4.72 0.65
C LEU A 197 -23.05 -5.33 0.88
N SER A 198 -24.10 -4.60 0.48
CA SER A 198 -25.46 -5.10 0.57
C SER A 198 -25.64 -6.43 -0.16
N LYS A 199 -25.05 -6.52 -1.35
CA LYS A 199 -25.16 -7.76 -2.13
C LYS A 199 -24.44 -8.91 -1.42
N ILE A 200 -23.37 -8.58 -0.70
CA ILE A 200 -22.57 -9.58 0.00
C ILE A 200 -23.22 -10.07 1.30
N ASN A 201 -23.67 -9.15 2.16
CA ASN A 201 -24.17 -9.55 3.47
C ASN A 201 -25.69 -9.46 3.63
N GLY A 202 -26.38 -9.04 2.57
CA GLY A 202 -27.84 -9.07 2.56
C GLY A 202 -28.55 -7.97 3.31
N LYS A 203 -27.79 -7.01 3.84
CA LYS A 203 -28.39 -5.89 4.55
C LYS A 203 -28.96 -4.89 3.55
N PRO A 204 -30.14 -4.33 3.84
CA PRO A 204 -30.80 -3.37 2.95
C PRO A 204 -29.91 -2.18 2.60
N ILE A 205 -30.13 -1.62 1.41
CA ILE A 205 -29.40 -0.43 0.97
C ILE A 205 -29.41 0.65 2.04
N GLY A 206 -28.23 1.18 2.36
CA GLY A 206 -28.09 2.19 3.38
C GLY A 206 -27.58 1.68 4.72
N GLU A 207 -27.89 0.43 5.05
CA GLU A 207 -27.55 -0.11 6.36
C GLU A 207 -26.06 -0.31 6.55
N ASN A 208 -25.35 -0.72 5.50
CA ASN A 208 -23.90 -0.87 5.59
C ASN A 208 -23.22 0.48 5.81
N PHE A 209 -23.71 1.49 5.10
CA PHE A 209 -23.22 2.85 5.24
C PHE A 209 -23.36 3.33 6.69
N LYS A 210 -24.50 3.01 7.31
CA LYS A 210 -24.76 3.40 8.68
C LYS A 210 -23.86 2.66 9.69
N GLU A 211 -23.67 1.36 9.49
CA GLU A 211 -22.88 0.58 10.43
C GLU A 211 -21.40 0.94 10.36
N TYR A 212 -20.90 1.23 9.16
CA TYR A 212 -19.52 1.69 9.00
C TYR A 212 -19.37 3.09 9.57
N SER A 213 -20.49 3.78 9.78
CA SER A 213 -20.48 5.16 10.26
C SER A 213 -20.78 5.28 11.76
N SER A 214 -21.04 4.15 12.40
CA SER A 214 -21.37 4.15 13.82
C SER A 214 -20.16 4.46 14.69
N SER A 215 -18.97 4.33 14.10
CA SER A 215 -17.72 4.55 14.82
C SER A 215 -17.35 6.02 14.94
N ILE A 216 -18.05 6.88 14.21
CA ILE A 216 -17.70 8.29 14.12
C ILE A 216 -18.07 9.08 15.38
N ALA A 217 -17.05 9.59 16.06
CA ALA A 217 -17.25 10.30 17.33
C ALA A 217 -18.22 11.48 17.20
N LEU A 218 -18.09 12.25 16.13
CA LEU A 218 -18.91 13.45 15.96
C LEU A 218 -20.34 13.13 15.53
N GLY A 219 -20.62 11.84 15.31
CA GLY A 219 -21.99 11.37 15.16
C GLY A 219 -22.70 11.73 13.87
N ARG A 220 -21.93 11.98 12.81
CA ARG A 220 -22.52 12.20 11.49
C ARG A 220 -21.55 11.73 10.41
N PRO A 221 -22.09 11.27 9.27
CA PRO A 221 -21.23 10.95 8.14
C PRO A 221 -20.60 12.20 7.57
N SER A 222 -19.60 12.04 6.71
CA SER A 222 -18.88 13.18 6.15
C SER A 222 -19.48 13.63 4.83
N VAL A 223 -19.29 14.90 4.50
CA VAL A 223 -19.65 15.44 3.20
C VAL A 223 -18.37 15.93 2.53
N PRO A 224 -18.36 16.02 1.19
CA PRO A 224 -17.13 16.41 0.48
C PRO A 224 -16.52 17.71 0.97
N GLU A 225 -17.36 18.63 1.43
CA GLU A 225 -16.88 19.93 1.90
CA GLU A 225 -16.91 19.93 1.91
C GLU A 225 -15.96 19.78 3.12
N ASP A 226 -16.18 18.74 3.93
CA ASP A 226 -15.31 18.48 5.06
C ASP A 226 -13.87 18.31 4.58
N VAL A 227 -13.71 17.55 3.51
CA VAL A 227 -12.39 17.26 2.98
C VAL A 227 -11.79 18.51 2.31
N ALA A 228 -12.62 19.24 1.58
CA ALA A 228 -12.16 20.44 0.88
C ALA A 228 -11.52 21.47 1.81
N GLY A 229 -12.07 21.60 3.02
CA GLY A 229 -11.53 22.50 4.01
C GLY A 229 -10.10 22.14 4.40
N LEU A 230 -9.85 20.85 4.58
CA LEU A 230 -8.52 20.38 4.91
C LEU A 230 -7.57 20.63 3.75
N VAL A 231 -8.02 20.32 2.54
CA VAL A 231 -7.15 20.46 1.37
C VAL A 231 -6.85 21.93 1.13
N SER A 232 -7.80 22.81 1.45
CA SER A 232 -7.55 24.26 1.40
C SER A 232 -6.31 24.62 2.23
N PHE A 233 -6.27 24.11 3.46
CA PHE A 233 -5.10 24.30 4.32
C PHE A 233 -3.83 23.74 3.68
N LEU A 234 -3.93 22.54 3.14
CA LEU A 234 -2.77 21.87 2.54
C LEU A 234 -2.29 22.57 1.26
N ALA A 235 -3.15 23.40 0.65
CA ALA A 235 -2.76 24.14 -0.54
C ALA A 235 -2.27 25.56 -0.21
N SER A 236 -2.45 25.96 1.04
CA SER A 236 -2.18 27.33 1.48
C SER A 236 -0.76 27.49 2.02
N PRO A 237 -0.27 28.74 2.12
CA PRO A 237 1.05 28.94 2.71
C PRO A 237 1.13 28.49 4.17
N ASP A 238 0.00 28.34 4.85
CA ASP A 238 0.00 27.94 6.26
C ASP A 238 0.50 26.51 6.46
N SER A 239 0.57 25.74 5.38
CA SER A 239 1.09 24.37 5.48
C SER A 239 2.51 24.25 4.94
N ASP A 240 3.16 25.38 4.66
CA ASP A 240 4.50 25.36 4.04
C ASP A 240 5.52 24.50 4.77
N TYR A 241 5.48 24.51 6.10
CA TYR A 241 6.48 23.81 6.89
C TYR A 241 6.05 22.39 7.27
N MET A 242 4.87 21.98 6.80
CA MET A 242 4.39 20.61 7.01
C MET A 242 4.69 19.75 5.79
N THR A 243 5.31 18.59 6.00
CA THR A 243 5.51 17.65 4.90
C THR A 243 5.59 16.20 5.39
N GLY A 244 5.10 15.30 4.55
CA GLY A 244 5.13 13.88 4.83
C GLY A 244 4.00 13.37 5.69
N GLN A 245 2.99 14.20 5.92
CA GLN A 245 1.91 13.86 6.84
C GLN A 245 0.65 13.43 6.12
N SER A 246 -0.05 12.47 6.71
CA SER A 246 -1.36 12.04 6.23
C SER A 246 -2.39 12.38 7.28
N LEU A 247 -3.21 13.40 7.00
CA LEU A 247 -4.07 13.99 8.01
C LEU A 247 -5.50 13.45 7.95
N LEU A 248 -5.97 12.94 9.08
CA LEU A 248 -7.33 12.41 9.20
C LEU A 248 -8.36 13.51 9.44
N ILE A 249 -9.37 13.58 8.57
CA ILE A 249 -10.52 14.41 8.86
C ILE A 249 -11.75 13.50 8.74
N ASP A 250 -11.95 12.72 9.80
CA ASP A 250 -12.87 11.58 9.75
C ASP A 250 -13.96 11.65 10.82
N GLY A 251 -14.06 12.78 11.50
CA GLY A 251 -15.06 12.94 12.55
C GLY A 251 -14.71 12.17 13.82
N GLY A 252 -13.48 11.66 13.88
CA GLY A 252 -13.02 10.92 15.04
C GLY A 252 -13.34 9.43 14.98
N MET A 253 -12.73 8.74 14.04
CA MET A 253 -12.86 7.29 13.94
C MET A 253 -11.57 6.63 14.38
N VAL A 254 -10.46 7.12 13.84
CA VAL A 254 -9.12 6.67 14.20
C VAL A 254 -8.29 7.89 14.62
N PHE A 255 -7.38 7.71 15.56
CA PHE A 255 -6.58 8.84 16.03
C PHE A 255 -5.10 8.69 15.73
N ASN A 256 -4.55 9.68 15.02
CA ASN A 256 -3.17 9.67 14.59
C ASN A 256 -2.61 11.09 14.49
N LYS B 3 3.92 -30.52 12.86
CA LYS B 3 3.61 -29.16 12.41
C LYS B 3 4.47 -28.77 11.21
N VAL B 4 3.86 -28.04 10.28
CA VAL B 4 4.48 -27.75 8.99
C VAL B 4 4.48 -26.26 8.67
N ALA B 5 5.63 -25.76 8.22
CA ALA B 5 5.72 -24.36 7.78
C ALA B 5 6.26 -24.28 6.36
N LEU B 6 5.80 -23.29 5.61
CA LEU B 6 6.41 -22.97 4.32
C LEU B 6 6.97 -21.55 4.41
N VAL B 7 8.22 -21.40 3.96
CA VAL B 7 8.90 -20.12 3.98
C VAL B 7 9.33 -19.75 2.57
N THR B 8 8.85 -18.62 2.05
CA THR B 8 9.26 -18.21 0.72
C THR B 8 10.56 -17.40 0.80
N GLY B 9 11.33 -17.40 -0.28
CA GLY B 9 12.64 -16.77 -0.30
C GLY B 9 13.59 -17.39 0.71
N ALA B 10 13.44 -18.69 0.94
CA ALA B 10 14.21 -19.36 1.99
C ALA B 10 15.53 -19.95 1.50
N GLY B 11 15.89 -19.67 0.26
CA GLY B 11 17.17 -20.14 -0.28
C GLY B 11 18.38 -19.43 0.31
N GLN B 12 18.15 -18.27 0.91
CA GLN B 12 19.24 -17.47 1.45
C GLN B 12 18.72 -16.40 2.42
N GLY B 13 19.64 -15.70 3.05
CA GLY B 13 19.32 -14.52 3.84
C GLY B 13 18.36 -14.73 5.00
N ILE B 14 17.44 -13.80 5.16
CA ILE B 14 16.48 -13.85 6.26
C ILE B 14 15.58 -15.09 6.16
N GLY B 15 15.14 -15.40 4.95
CA GLY B 15 14.27 -16.55 4.74
C GLY B 15 14.93 -17.85 5.18
N LYS B 16 16.20 -18.00 4.84
CA LYS B 16 16.94 -19.21 5.22
C LYS B 16 17.08 -19.30 6.73
N ALA B 17 17.42 -18.18 7.37
CA ALA B 17 17.58 -18.15 8.81
C ALA B 17 16.26 -18.48 9.51
N ILE B 18 15.17 -17.98 8.96
CA ILE B 18 13.85 -18.28 9.49
C ILE B 18 13.56 -19.78 9.38
N ALA B 19 13.81 -20.33 8.21
CA ALA B 19 13.59 -21.75 7.96
C ALA B 19 14.36 -22.63 8.95
N LEU B 20 15.64 -22.33 9.13
CA LEU B 20 16.49 -23.12 10.01
C LEU B 20 16.02 -23.03 11.47
N ARG B 21 15.53 -21.85 11.87
CA ARG B 21 15.04 -21.69 13.23
C ARG B 21 13.73 -22.44 13.43
N LEU B 22 12.85 -22.42 12.44
CA LEU B 22 11.59 -23.14 12.55
C LEU B 22 11.85 -24.65 12.64
N VAL B 23 12.86 -25.13 11.92
CA VAL B 23 13.29 -26.54 12.04
C VAL B 23 13.72 -26.86 13.47
N LYS B 24 14.53 -25.98 14.04
CA LYS B 24 14.98 -26.13 15.41
C LYS B 24 13.79 -26.14 16.37
N ASP B 25 12.77 -25.36 16.04
CA ASP B 25 11.54 -25.29 16.84
C ASP B 25 10.67 -26.53 16.70
N GLY B 26 10.99 -27.39 15.74
CA GLY B 26 10.24 -28.63 15.58
C GLY B 26 9.34 -28.69 14.35
N PHE B 27 9.38 -27.66 13.50
CA PHE B 27 8.62 -27.68 12.26
C PHE B 27 9.30 -28.50 11.17
N ALA B 28 8.48 -29.19 10.37
CA ALA B 28 8.93 -29.61 9.05
C ALA B 28 8.74 -28.38 8.17
N VAL B 29 9.70 -28.12 7.30
CA VAL B 29 9.69 -26.85 6.55
C VAL B 29 9.83 -27.01 5.04
N ALA B 30 8.92 -26.37 4.32
CA ALA B 30 9.05 -26.25 2.87
C ALA B 30 9.90 -25.05 2.53
N ILE B 31 10.99 -25.29 1.81
CA ILE B 31 11.92 -24.25 1.41
C ILE B 31 11.52 -23.76 0.03
N ALA B 32 10.80 -22.64 -0.03
CA ALA B 32 10.23 -22.15 -1.27
C ALA B 32 11.04 -20.98 -1.82
N ASP B 33 11.40 -21.06 -3.09
CA ASP B 33 12.25 -20.05 -3.71
C ASP B 33 12.20 -20.15 -5.23
N TYR B 34 12.48 -19.05 -5.91
CA TYR B 34 12.60 -19.08 -7.38
C TYR B 34 13.96 -19.65 -7.75
N ASN B 35 14.89 -19.57 -6.81
CA ASN B 35 16.21 -20.17 -6.94
C ASN B 35 16.16 -21.61 -6.43
N ASP B 36 15.95 -22.57 -7.32
CA ASP B 36 15.80 -23.96 -6.86
C ASP B 36 17.12 -24.56 -6.39
N ALA B 37 18.23 -24.01 -6.86
CA ALA B 37 19.54 -24.52 -6.45
C ALA B 37 19.79 -24.25 -4.96
N THR B 38 19.59 -23.01 -4.53
CA THR B 38 19.78 -22.69 -3.12
C THR B 38 18.70 -23.35 -2.26
N ALA B 39 17.48 -23.41 -2.77
CA ALA B 39 16.39 -24.03 -2.03
C ALA B 39 16.67 -25.51 -1.79
N LYS B 40 17.15 -26.19 -2.81
CA LYS B 40 17.45 -27.62 -2.67
C LYS B 40 18.65 -27.82 -1.74
N ALA B 41 19.60 -26.89 -1.77
CA ALA B 41 20.77 -26.98 -0.90
C ALA B 41 20.39 -26.80 0.57
N VAL B 42 19.51 -25.84 0.84
CA VAL B 42 19.03 -25.62 2.20
C VAL B 42 18.22 -26.81 2.70
N ALA B 43 17.31 -27.30 1.85
CA ALA B 43 16.49 -28.46 2.19
C ALA B 43 17.35 -29.68 2.49
N SER B 44 18.39 -29.87 1.70
CA SER B 44 19.29 -31.01 1.88
C SER B 44 20.05 -30.89 3.20
N GLU B 45 20.49 -29.67 3.51
CA GLU B 45 21.18 -29.40 4.77
C GLU B 45 20.31 -29.79 5.96
N ILE B 46 19.05 -29.37 5.92
CA ILE B 46 18.09 -29.70 6.97
C ILE B 46 17.89 -31.20 7.10
N ASN B 47 17.65 -31.86 5.98
CA ASN B 47 17.40 -33.31 5.98
C ASN B 47 18.62 -34.11 6.46
N GLN B 48 19.81 -33.66 6.07
CA GLN B 48 21.06 -34.31 6.49
C GLN B 48 21.20 -34.29 8.01
N ALA B 49 20.75 -33.20 8.62
CA ALA B 49 20.92 -32.98 10.05
C ALA B 49 19.81 -33.63 10.88
N GLY B 50 18.89 -34.31 10.21
CA GLY B 50 17.84 -35.03 10.91
C GLY B 50 16.50 -34.35 10.90
N GLY B 51 16.44 -33.18 10.27
CA GLY B 51 15.19 -32.46 10.17
C GLY B 51 14.36 -32.98 9.00
N HIS B 52 13.24 -32.32 8.74
CA HIS B 52 12.39 -32.69 7.62
C HIS B 52 12.08 -31.46 6.77
N ALA B 53 12.57 -31.48 5.54
CA ALA B 53 12.38 -30.35 4.64
C ALA B 53 12.19 -30.80 3.20
N VAL B 54 11.54 -29.95 2.42
CA VAL B 54 11.43 -30.18 1.00
C VAL B 54 11.62 -28.85 0.28
N ALA B 55 12.32 -28.87 -0.84
CA ALA B 55 12.48 -27.68 -1.66
C ALA B 55 11.33 -27.58 -2.64
N VAL B 56 10.81 -26.37 -2.82
CA VAL B 56 9.76 -26.12 -3.80
C VAL B 56 10.12 -24.90 -4.62
N LYS B 57 10.15 -25.05 -5.94
CA LYS B 57 10.41 -23.90 -6.81
C LYS B 57 9.12 -23.14 -7.06
N VAL B 58 9.15 -21.84 -6.82
CA VAL B 58 7.97 -21.01 -7.03
C VAL B 58 8.41 -19.58 -7.29
N ASP B 59 7.77 -18.95 -8.27
CA ASP B 59 7.82 -17.51 -8.46
C ASP B 59 6.61 -16.97 -7.71
N VAL B 60 6.83 -16.28 -6.61
CA VAL B 60 5.71 -15.90 -5.74
C VAL B 60 4.79 -14.84 -6.36
N SER B 61 5.20 -14.24 -7.48
CA SER B 61 4.35 -13.32 -8.22
C SER B 61 3.36 -14.08 -9.11
N ASP B 62 3.51 -15.40 -9.17
CA ASP B 62 2.64 -16.26 -9.96
C ASP B 62 1.65 -16.99 -9.04
N ARG B 63 0.37 -16.60 -9.11
CA ARG B 63 -0.65 -17.11 -8.20
C ARG B 63 -0.77 -18.63 -8.26
N ASP B 64 -0.80 -19.18 -9.46
CA ASP B 64 -0.92 -20.62 -9.62
C ASP B 64 0.24 -21.36 -8.98
N GLN B 65 1.45 -20.82 -9.14
CA GLN B 65 2.63 -21.46 -8.58
C GLN B 65 2.65 -21.37 -7.06
N VAL B 66 2.08 -20.30 -6.51
CA VAL B 66 2.02 -20.16 -5.05
C VAL B 66 1.07 -21.21 -4.48
N PHE B 67 -0.10 -21.35 -5.11
CA PHE B 67 -1.05 -22.38 -4.68
C PHE B 67 -0.43 -23.78 -4.82
N ALA B 68 0.30 -24.00 -5.91
CA ALA B 68 0.92 -25.30 -6.15
C ALA B 68 1.98 -25.60 -5.11
N ALA B 69 2.74 -24.59 -4.73
CA ALA B 69 3.79 -24.74 -3.72
C ALA B 69 3.21 -25.11 -2.36
N VAL B 70 2.15 -24.42 -1.97
CA VAL B 70 1.51 -24.69 -0.69
C VAL B 70 0.96 -26.12 -0.63
N GLU B 71 0.28 -26.54 -1.70
CA GLU B 71 -0.31 -27.87 -1.73
C GLU B 71 0.76 -28.96 -1.76
N GLN B 72 1.86 -28.69 -2.47
CA GLN B 72 2.97 -29.63 -2.52
C GLN B 72 3.59 -29.80 -1.13
N ALA B 73 3.76 -28.68 -0.44
CA ALA B 73 4.25 -28.71 0.93
C ALA B 73 3.31 -29.52 1.82
N ARG B 74 2.02 -29.25 1.68
CA ARG B 74 1.01 -29.90 2.51
C ARG B 74 1.01 -31.41 2.30
N LYS B 75 1.11 -31.85 1.06
CA LYS B 75 1.11 -33.27 0.75
C LYS B 75 2.39 -33.95 1.20
N THR B 76 3.52 -33.39 0.82
CA THR B 76 4.82 -33.99 1.11
C THR B 76 5.15 -34.01 2.60
N LEU B 77 4.86 -32.91 3.30
CA LEU B 77 5.26 -32.81 4.70
C LEU B 77 4.15 -33.23 5.67
N GLY B 78 2.95 -33.44 5.15
CA GLY B 78 1.88 -34.03 5.93
C GLY B 78 1.09 -33.08 6.81
N GLY B 79 0.97 -31.84 6.39
CA GLY B 79 0.19 -30.86 7.12
C GLY B 79 0.51 -29.47 6.66
N PHE B 80 -0.14 -28.47 7.26
CA PHE B 80 0.15 -27.09 6.96
C PHE B 80 -0.35 -26.18 8.07
N ASP B 81 0.58 -25.51 8.76
CA ASP B 81 0.23 -24.74 9.94
C ASP B 81 0.71 -23.29 9.89
N VAL B 82 1.77 -23.03 9.13
CA VAL B 82 2.38 -21.70 9.08
C VAL B 82 2.87 -21.36 7.69
N ILE B 83 2.55 -20.17 7.20
CA ILE B 83 3.23 -19.68 6.01
C ILE B 83 3.96 -18.38 6.35
N VAL B 84 5.18 -18.27 5.85
CA VAL B 84 5.97 -17.06 5.99
C VAL B 84 6.18 -16.46 4.61
N ASN B 85 5.46 -15.38 4.33
CA ASN B 85 5.58 -14.66 3.06
C ASN B 85 6.76 -13.71 3.14
N ASN B 86 7.94 -14.24 2.81
CA ASN B 86 9.20 -13.55 3.03
C ASN B 86 9.85 -13.04 1.75
N ALA B 87 9.66 -13.75 0.65
CA ALA B 87 10.27 -13.38 -0.61
C ALA B 87 9.95 -11.94 -0.99
N GLY B 88 10.95 -11.22 -1.47
CA GLY B 88 10.78 -9.84 -1.89
C GLY B 88 12.01 -9.34 -2.60
N ILE B 89 11.85 -8.25 -3.35
CA ILE B 89 12.98 -7.62 -4.02
C ILE B 89 13.07 -6.14 -3.65
N ALA B 90 14.26 -5.58 -3.80
CA ALA B 90 14.45 -4.15 -3.62
C ALA B 90 14.73 -3.52 -4.96
N GLN B 91 14.15 -2.35 -5.18
CA GLN B 91 14.47 -1.54 -6.34
C GLN B 91 15.12 -0.24 -5.88
N ILE B 92 16.39 -0.08 -6.19
CA ILE B 92 17.10 1.12 -5.82
C ILE B 92 17.15 2.04 -7.03
N LYS B 93 16.09 2.83 -7.18
CA LYS B 93 15.95 3.73 -8.31
C LYS B 93 15.36 5.04 -7.81
N PRO B 94 15.93 6.16 -8.26
CA PRO B 94 15.41 7.48 -7.88
C PRO B 94 13.91 7.60 -8.16
N LEU B 95 13.18 8.22 -7.24
CA LEU B 95 11.73 8.36 -7.34
C LEU B 95 11.27 8.86 -8.71
N LEU B 96 11.96 9.88 -9.23
CA LEU B 96 11.59 10.47 -10.50
C LEU B 96 11.95 9.58 -11.70
N GLU B 97 12.72 8.53 -11.46
CA GLU B 97 13.15 7.64 -12.52
C GLU B 97 12.35 6.33 -12.55
N VAL B 98 11.48 6.16 -11.57
CA VAL B 98 10.64 4.96 -11.48
C VAL B 98 9.68 4.87 -12.65
N THR B 99 9.71 3.73 -13.34
CA THR B 99 8.83 3.51 -14.50
C THR B 99 7.62 2.66 -14.17
N GLU B 100 6.64 2.66 -15.06
CA GLU B 100 5.47 1.81 -14.91
C GLU B 100 5.86 0.34 -14.85
N GLU B 101 6.81 -0.06 -15.70
CA GLU B 101 7.29 -1.44 -15.69
C GLU B 101 7.92 -1.80 -14.35
N ASP B 102 8.67 -0.86 -13.77
CA ASP B 102 9.25 -1.04 -12.44
C ASP B 102 8.16 -1.33 -11.43
N LEU B 103 7.11 -0.51 -11.47
CA LEU B 103 6.01 -0.62 -10.51
C LEU B 103 5.26 -1.92 -10.64
N LYS B 104 4.96 -2.30 -11.88
CA LYS B 104 4.30 -3.59 -12.12
C LYS B 104 5.11 -4.75 -11.55
N GLN B 105 6.42 -4.72 -11.76
CA GLN B 105 7.28 -5.80 -11.28
C GLN B 105 7.33 -5.86 -9.76
N ILE B 106 7.65 -4.73 -9.13
CA ILE B 106 7.89 -4.77 -7.70
C ILE B 106 6.59 -4.99 -6.93
N TYR B 107 5.47 -4.53 -7.46
CA TYR B 107 4.21 -4.78 -6.78
C TYR B 107 3.76 -6.24 -6.93
N SER B 108 4.02 -6.83 -8.09
CA SER B 108 3.64 -8.23 -8.27
C SER B 108 4.46 -9.11 -7.34
N VAL B 109 5.74 -8.80 -7.19
CA VAL B 109 6.65 -9.62 -6.40
C VAL B 109 6.51 -9.37 -4.90
N ASN B 110 6.37 -8.11 -4.50
CA ASN B 110 6.35 -7.78 -3.07
C ASN B 110 4.98 -7.74 -2.43
N VAL B 111 3.94 -7.51 -3.22
CA VAL B 111 2.59 -7.32 -2.66
C VAL B 111 1.60 -8.39 -3.12
N PHE B 112 1.45 -8.57 -4.43
CA PHE B 112 0.48 -9.53 -4.95
C PHE B 112 0.81 -10.91 -4.42
N SER B 113 2.10 -11.21 -4.31
CA SER B 113 2.59 -12.46 -3.73
C SER B 113 2.01 -12.75 -2.34
N VAL B 114 1.83 -11.71 -1.55
CA VAL B 114 1.34 -11.89 -0.19
C VAL B 114 -0.17 -12.16 -0.21
N PHE B 115 -0.88 -11.49 -1.11
CA PHE B 115 -2.28 -11.85 -1.34
C PHE B 115 -2.38 -13.34 -1.69
N PHE B 116 -1.55 -13.76 -2.63
CA PHE B 116 -1.59 -15.14 -3.11
C PHE B 116 -1.23 -16.14 -2.00
N GLY B 117 -0.20 -15.80 -1.22
CA GLY B 117 0.24 -16.65 -0.12
C GLY B 117 -0.81 -16.79 0.95
N ILE B 118 -1.49 -15.68 1.26
CA ILE B 118 -2.59 -15.70 2.21
C ILE B 118 -3.70 -16.61 1.73
N GLN B 119 -4.10 -16.44 0.48
CA GLN B 119 -5.20 -17.22 -0.09
C GLN B 119 -4.87 -18.70 -0.12
N ALA B 120 -3.68 -19.04 -0.57
CA ALA B 120 -3.26 -20.44 -0.64
C ALA B 120 -3.17 -21.06 0.76
N ALA B 121 -2.62 -20.32 1.70
CA ALA B 121 -2.48 -20.82 3.07
C ALA B 121 -3.83 -21.07 3.71
N VAL B 122 -4.78 -20.15 3.51
CA VAL B 122 -6.10 -20.31 4.12
C VAL B 122 -6.78 -21.57 3.58
N GLU B 123 -6.66 -21.80 2.28
CA GLU B 123 -7.23 -23.00 1.66
C GLU B 123 -6.63 -24.25 2.28
N ALA B 124 -5.33 -24.24 2.51
CA ALA B 124 -4.66 -25.39 3.12
C ALA B 124 -5.10 -25.57 4.57
N PHE B 125 -5.24 -24.47 5.30
CA PHE B 125 -5.70 -24.53 6.68
C PHE B 125 -7.08 -25.19 6.75
N LYS B 126 -7.97 -24.76 5.87
CA LYS B 126 -9.32 -25.32 5.80
C LYS B 126 -9.28 -26.80 5.46
N LYS B 127 -8.44 -27.16 4.50
CA LYS B 127 -8.26 -28.55 4.10
C LYS B 127 -7.83 -29.40 5.29
N GLU B 128 -6.93 -28.86 6.11
CA GLU B 128 -6.41 -29.57 7.28
C GLU B 128 -7.36 -29.51 8.47
N GLY B 129 -8.39 -28.68 8.37
CA GLY B 129 -9.41 -28.59 9.40
C GLY B 129 -8.97 -27.91 10.68
N HIS B 130 -8.12 -26.89 10.57
CA HIS B 130 -7.75 -26.10 11.74
C HIS B 130 -7.35 -24.68 11.34
N GLY B 131 -7.02 -23.87 12.33
CA GLY B 131 -6.58 -22.51 12.07
C GLY B 131 -5.11 -22.50 11.68
N GLY B 132 -4.49 -21.34 11.72
CA GLY B 132 -3.10 -21.24 11.32
C GLY B 132 -2.50 -19.87 11.49
N LYS B 133 -1.23 -19.75 11.13
CA LYS B 133 -0.51 -18.50 11.25
C LYS B 133 0.04 -18.06 9.91
N ILE B 134 -0.28 -16.83 9.53
CA ILE B 134 0.31 -16.20 8.38
C ILE B 134 1.27 -15.10 8.86
N ILE B 135 2.49 -15.15 8.37
CA ILE B 135 3.55 -14.23 8.82
C ILE B 135 4.18 -13.54 7.62
N ASN B 136 4.08 -12.22 7.57
CA ASN B 136 4.53 -11.44 6.41
C ASN B 136 5.79 -10.62 6.66
N ALA B 137 6.70 -10.63 5.69
CA ALA B 137 7.87 -9.77 5.76
C ALA B 137 7.51 -8.35 5.35
N ALA B 138 7.50 -7.43 6.30
CA ALA B 138 7.40 -6.03 5.97
C ALA B 138 8.81 -5.46 6.00
N SER B 139 8.98 -4.32 6.67
CA SER B 139 10.26 -3.63 6.68
C SER B 139 10.14 -2.41 7.57
N ILE B 140 11.29 -1.90 8.04
CA ILE B 140 11.29 -0.59 8.70
C ILE B 140 10.76 0.45 7.71
N ALA B 141 10.94 0.20 6.42
CA ALA B 141 10.46 1.08 5.36
C ALA B 141 8.94 1.03 5.20
N ALA B 142 8.30 0.10 5.91
CA ALA B 142 6.84 0.04 5.98
C ALA B 142 6.29 0.95 7.07
N ILE B 143 7.18 1.47 7.91
CA ILE B 143 6.77 2.26 9.06
C ILE B 143 7.14 3.74 8.84
N GLN B 144 8.31 3.96 8.29
CA GLN B 144 8.74 5.29 7.85
C GLN B 144 9.32 5.15 6.44
N GLY B 145 8.77 5.89 5.49
CA GLY B 145 9.24 5.84 4.11
C GLY B 145 10.71 6.16 3.97
N PHE B 146 11.43 5.32 3.23
CA PHE B 146 12.88 5.45 3.06
C PHE B 146 13.25 6.10 1.73
N PRO B 147 14.10 7.14 1.79
CA PRO B 147 14.57 7.85 0.59
C PRO B 147 15.23 6.90 -0.40
N ILE B 148 15.14 7.23 -1.70
CA ILE B 148 15.74 6.49 -2.81
C ILE B 148 15.32 5.01 -2.89
N LEU B 149 14.52 4.56 -1.92
CA LEU B 149 13.88 3.25 -1.99
C LEU B 149 12.37 3.46 -2.03
N SER B 150 11.93 4.35 -2.91
CA SER B 150 10.54 4.79 -2.91
C SER B 150 9.57 3.68 -3.28
N ALA B 151 9.82 3.00 -4.40
CA ALA B 151 8.95 1.91 -4.82
C ALA B 151 8.89 0.82 -3.76
N TYR B 152 10.06 0.41 -3.28
CA TYR B 152 10.17 -0.58 -2.22
C TYR B 152 9.36 -0.20 -0.99
N SER B 153 9.57 1.02 -0.50
CA SER B 153 8.88 1.49 0.68
C SER B 153 7.37 1.39 0.51
N THR B 154 6.86 1.81 -0.63
CA THR B 154 5.43 1.79 -0.84
C THR B 154 4.90 0.35 -0.86
N THR B 155 5.67 -0.60 -1.40
CA THR B 155 5.20 -1.99 -1.39
C THR B 155 5.14 -2.53 0.03
N LYS B 156 6.07 -2.12 0.88
CA LYS B 156 6.11 -2.62 2.25
C LYS B 156 5.01 -2.00 3.10
N PHE B 157 4.68 -0.73 2.85
CA PHE B 157 3.50 -0.13 3.45
C PHE B 157 2.25 -0.93 3.08
N ALA B 158 2.16 -1.35 1.82
CA ALA B 158 1.01 -2.11 1.36
C ALA B 158 0.91 -3.44 2.11
N VAL B 159 2.06 -4.08 2.32
CA VAL B 159 2.10 -5.34 3.05
C VAL B 159 1.64 -5.15 4.51
N ARG B 160 2.08 -4.06 5.12
CA ARG B 160 1.63 -3.67 6.46
C ARG B 160 0.11 -3.53 6.50
N GLY B 161 -0.45 -2.80 5.53
CA GLY B 161 -1.88 -2.67 5.40
C GLY B 161 -2.58 -4.01 5.20
N LEU B 162 -2.00 -4.85 4.36
CA LEU B 162 -2.56 -6.18 4.10
C LEU B 162 -2.59 -7.03 5.36
N THR B 163 -1.52 -6.94 6.14
CA THR B 163 -1.46 -7.68 7.40
C THR B 163 -2.62 -7.28 8.33
N GLN B 164 -2.91 -5.99 8.39
CA GLN B 164 -4.02 -5.50 9.22
C GLN B 164 -5.38 -5.97 8.71
N THR B 165 -5.66 -5.73 7.43
CA THR B 165 -6.99 -6.04 6.89
C THR B 165 -7.22 -7.56 6.88
N ALA B 166 -6.20 -8.32 6.51
CA ALA B 166 -6.33 -9.78 6.48
C ALA B 166 -6.56 -10.34 7.88
N ALA B 167 -5.88 -9.77 8.87
CA ALA B 167 -6.08 -10.20 10.26
C ALA B 167 -7.52 -10.00 10.70
N ARG B 168 -8.08 -8.85 10.35
CA ARG B 168 -9.46 -8.55 10.71
C ARG B 168 -10.42 -9.56 10.08
N ASP B 169 -10.20 -9.86 8.80
CA ASP B 169 -11.09 -10.73 8.04
C ASP B 169 -10.97 -12.20 8.41
N LEU B 170 -9.77 -12.63 8.80
CA LEU B 170 -9.52 -14.06 9.00
C LEU B 170 -9.58 -14.50 10.46
N ALA B 171 -9.59 -13.54 11.37
CA ALA B 171 -9.66 -13.86 12.81
C ALA B 171 -10.79 -14.81 13.21
N PRO B 172 -12.01 -14.64 12.64
CA PRO B 172 -13.07 -15.58 13.04
C PRO B 172 -12.78 -17.04 12.67
N LEU B 173 -11.85 -17.26 11.74
CA LEU B 173 -11.49 -18.61 11.33
C LEU B 173 -10.38 -19.20 12.21
N GLY B 174 -9.91 -18.42 13.17
CA GLY B 174 -8.81 -18.84 14.01
C GLY B 174 -7.49 -18.77 13.26
N ILE B 175 -7.45 -17.88 12.27
CA ILE B 175 -6.24 -17.66 11.50
C ILE B 175 -5.71 -16.26 11.79
N THR B 176 -4.46 -16.19 12.23
CA THR B 176 -3.85 -14.89 12.54
C THR B 176 -2.91 -14.44 11.44
N VAL B 177 -2.73 -13.13 11.35
CA VAL B 177 -1.82 -12.54 10.37
C VAL B 177 -0.97 -11.48 11.06
N ASN B 178 0.34 -11.72 11.15
CA ASN B 178 1.25 -10.73 11.70
C ASN B 178 2.42 -10.50 10.76
N GLY B 179 3.18 -9.45 10.99
CA GLY B 179 4.33 -9.17 10.17
C GLY B 179 5.58 -8.87 10.97
N TYR B 180 6.73 -8.98 10.31
CA TYR B 180 7.99 -8.59 10.92
C TYR B 180 8.67 -7.50 10.11
N CYS B 181 9.31 -6.57 10.81
CA CYS B 181 9.94 -5.43 10.15
C CYS B 181 11.42 -5.38 10.49
N PRO B 182 12.25 -6.00 9.65
CA PRO B 182 13.71 -5.95 9.82
C PRO B 182 14.23 -4.53 9.60
N GLY B 183 15.40 -4.24 10.15
CA GLY B 183 16.02 -2.95 9.95
C GLY B 183 17.01 -3.02 8.80
N ILE B 184 18.28 -2.85 9.11
CA ILE B 184 19.33 -2.96 8.11
C ILE B 184 20.07 -4.28 8.33
N VAL B 185 19.77 -5.27 7.48
CA VAL B 185 20.34 -6.60 7.64
C VAL B 185 21.34 -6.92 6.55
N GLY B 186 22.53 -7.33 6.95
CA GLY B 186 23.59 -7.66 6.02
C GLY B 186 23.32 -8.91 5.21
N THR B 187 22.42 -8.80 4.23
CA THR B 187 22.10 -9.90 3.34
C THR B 187 22.45 -9.56 1.90
N GLY B 188 22.10 -10.46 0.99
CA GLY B 188 22.31 -10.23 -0.43
C GLY B 188 21.54 -9.03 -0.96
N MET B 189 20.39 -8.76 -0.34
CA MET B 189 19.57 -7.62 -0.74
C MET B 189 20.31 -6.30 -0.49
N TRP B 190 20.91 -6.18 0.70
CA TRP B 190 21.67 -4.98 1.02
C TRP B 190 23.05 -5.02 0.40
N GLU B 191 23.43 -6.18 -0.15
CA GLU B 191 24.66 -6.29 -0.91
C GLU B 191 24.39 -5.96 -2.38
N GLN B 192 23.21 -5.38 -2.63
CA GLN B 192 22.86 -4.84 -3.93
C GLN B 192 22.43 -3.38 -3.73
N ILE B 193 21.72 -3.13 -2.65
CA ILE B 193 21.35 -1.77 -2.25
C ILE B 193 22.62 -0.95 -2.01
N ASP B 194 23.61 -1.58 -1.38
CA ASP B 194 24.92 -0.96 -1.18
C ASP B 194 25.54 -0.45 -2.48
N ALA B 195 25.53 -1.30 -3.50
CA ALA B 195 26.19 -0.98 -4.77
C ALA B 195 25.41 0.06 -5.57
N GLU B 196 24.10 0.07 -5.44
CA GLU B 196 23.25 0.99 -6.19
C GLU B 196 23.17 2.35 -5.52
N LEU B 197 23.25 2.35 -4.19
CA LEU B 197 23.26 3.58 -3.41
C LEU B 197 24.50 4.42 -3.74
N SER B 198 25.61 3.73 -3.95
CA SER B 198 26.88 4.39 -4.24
C SER B 198 26.82 5.17 -5.55
N LYS B 199 26.30 4.52 -6.59
CA LYS B 199 26.19 5.15 -7.90
C LYS B 199 25.04 6.13 -7.96
N SER B 215 22.28 5.47 13.39
CA SER B 215 20.83 5.53 13.58
C SER B 215 20.33 4.38 14.45
N ILE B 216 21.01 3.24 14.36
CA ILE B 216 20.64 2.08 15.15
C ILE B 216 21.06 2.25 16.61
N ALA B 217 20.07 2.29 17.50
CA ALA B 217 20.31 2.55 18.91
C ALA B 217 21.26 1.52 19.54
N LEU B 218 21.08 0.25 19.22
CA LEU B 218 21.91 -0.81 19.79
C LEU B 218 23.32 -0.82 19.21
N GLY B 219 23.56 0.02 18.19
CA GLY B 219 24.89 0.26 17.69
C GLY B 219 25.54 -0.92 16.98
N ARG B 220 24.75 -1.71 16.27
CA ARG B 220 25.27 -2.77 15.42
C ARG B 220 24.27 -3.10 14.32
N PRO B 221 24.77 -3.47 13.14
CA PRO B 221 23.88 -3.90 12.05
C PRO B 221 23.19 -5.21 12.40
N SER B 222 22.11 -5.53 11.70
CA SER B 222 21.32 -6.72 11.99
C SER B 222 21.85 -7.95 11.26
N VAL B 223 21.71 -9.12 11.89
CA VAL B 223 22.00 -10.39 11.25
C VAL B 223 20.68 -11.14 11.04
N PRO B 224 20.62 -12.02 10.03
CA PRO B 224 19.38 -12.75 9.75
C PRO B 224 18.78 -13.45 10.97
N GLU B 225 19.62 -13.95 11.86
CA GLU B 225 19.15 -14.64 13.05
C GLU B 225 18.33 -13.74 13.99
N ASP B 226 18.57 -12.43 13.92
CA ASP B 226 17.78 -11.47 14.70
C ASP B 226 16.31 -11.60 14.33
N VAL B 227 16.06 -11.66 13.03
CA VAL B 227 14.71 -11.73 12.51
C VAL B 227 14.11 -13.10 12.81
N ALA B 228 14.93 -14.15 12.66
CA ALA B 228 14.48 -15.51 12.89
C ALA B 228 13.90 -15.70 14.30
N GLY B 229 14.50 -15.04 15.28
CA GLY B 229 14.03 -15.14 16.65
C GLY B 229 12.64 -14.57 16.83
N LEU B 230 12.37 -13.45 16.17
CA LEU B 230 11.04 -12.86 16.21
C LEU B 230 10.03 -13.76 15.50
N VAL B 231 10.41 -14.29 14.34
CA VAL B 231 9.50 -15.14 13.59
C VAL B 231 9.20 -16.44 14.36
N SER B 232 10.18 -16.91 15.13
CA SER B 232 9.95 -18.07 15.99
C SER B 232 8.79 -17.81 16.93
N PHE B 233 8.78 -16.63 17.56
CA PHE B 233 7.67 -16.23 18.41
C PHE B 233 6.35 -16.17 17.63
N LEU B 234 6.39 -15.57 16.45
CA LEU B 234 5.18 -15.41 15.64
C LEU B 234 4.65 -16.75 15.09
N ALA B 235 5.51 -17.78 15.10
CA ALA B 235 5.09 -19.12 14.67
C ALA B 235 4.66 -19.99 15.85
N SER B 236 4.90 -19.51 17.06
CA SER B 236 4.67 -20.27 18.28
C SER B 236 3.30 -20.01 18.89
N PRO B 237 2.83 -20.89 19.79
CA PRO B 237 1.55 -20.67 20.48
C PRO B 237 1.55 -19.40 21.33
N ASP B 238 2.72 -18.90 21.67
CA ASP B 238 2.83 -17.72 22.51
C ASP B 238 2.28 -16.46 21.82
N SER B 239 2.11 -16.53 20.51
CA SER B 239 1.57 -15.40 19.75
C SER B 239 0.13 -15.61 19.32
N ASP B 240 -0.53 -16.64 19.85
CA ASP B 240 -1.90 -16.99 19.44
C ASP B 240 -2.89 -15.81 19.51
N TYR B 241 -2.81 -15.00 20.57
CA TYR B 241 -3.79 -13.93 20.77
C TYR B 241 -3.34 -12.61 20.13
N MET B 242 -2.22 -12.63 19.42
CA MET B 242 -1.75 -11.46 18.70
C MET B 242 -2.09 -11.56 17.23
N THR B 243 -2.74 -10.52 16.69
CA THR B 243 -3.01 -10.52 15.26
C THR B 243 -3.09 -9.10 14.71
N GLY B 244 -2.67 -8.94 13.46
CA GLY B 244 -2.71 -7.65 12.78
C GLY B 244 -1.56 -6.72 13.08
N GLN B 245 -0.54 -7.24 13.74
CA GLN B 245 0.59 -6.41 14.17
C GLN B 245 1.80 -6.54 13.25
N SER B 246 2.50 -5.44 13.06
CA SER B 246 3.77 -5.46 12.33
C SER B 246 4.87 -5.06 13.30
N LEU B 247 5.73 -6.02 13.64
CA LEU B 247 6.65 -5.86 14.76
C LEU B 247 8.06 -5.49 14.31
N LEU B 248 8.56 -4.38 14.83
CA LEU B 248 9.91 -3.91 14.50
C LEU B 248 10.99 -4.62 15.31
N ILE B 249 11.93 -5.25 14.62
CA ILE B 249 13.13 -5.75 15.27
C ILE B 249 14.33 -5.15 14.51
N ASP B 250 14.56 -3.87 14.80
CA ASP B 250 15.47 -3.04 14.01
C ASP B 250 16.62 -2.47 14.83
N GLY B 251 16.76 -2.92 16.06
CA GLY B 251 17.83 -2.44 16.93
C GLY B 251 17.57 -1.04 17.45
N GLY B 252 16.36 -0.55 17.25
CA GLY B 252 15.97 0.76 17.76
C GLY B 252 16.20 1.90 16.79
N MET B 253 15.62 1.79 15.60
CA MET B 253 15.68 2.86 14.61
C MET B 253 14.38 3.67 14.64
N VAL B 254 13.26 2.96 14.52
CA VAL B 254 11.94 3.57 14.58
C VAL B 254 11.17 2.95 15.74
N PHE B 255 10.37 3.75 16.44
CA PHE B 255 9.62 3.25 17.59
C PHE B 255 8.12 3.19 17.31
N ASN B 256 7.53 2.01 17.45
CA ASN B 256 6.12 1.81 17.16
C ASN B 256 5.50 0.72 18.05
#